data_1REG
#
_entry.id   1REG
#
_cell.length_a   82.708
_cell.length_b   85.725
_cell.length_c   43.485
_cell.angle_alpha   90.00
_cell.angle_beta   90.00
_cell.angle_gamma   90.00
#
_symmetry.space_group_name_H-M   'P 21 21 21'
#
loop_
_entity.id
_entity.type
_entity.pdbx_description
1 polymer 'T4 REGA'
2 water water
#
_entity_poly.entity_id   1
_entity_poly.type   'polypeptide(L)'
_entity_poly.pdbx_seq_one_letter_code
;MIEITLKKPEDFLKVKETLTRMGIANNKDKVLYQSCHILQKKGLYYIVHFKEMLRMDGRQVEMTEEDEVRRDSIAWLLED
WGLIEIVPGQRTFMKDLTNNFRVISFKQKHEWKLVPKYTIGN
;
_entity_poly.pdbx_strand_id   X,Y
#
# COMPACT_ATOMS: atom_id res chain seq x y z
N MET A 1 10.23 4.97 -3.91
CA MET A 1 11.28 4.00 -3.99
C MET A 1 10.81 3.02 -2.96
N ILE A 2 10.71 1.73 -3.21
CA ILE A 2 10.15 0.79 -2.25
C ILE A 2 11.23 -0.15 -1.66
N GLU A 3 11.38 -0.24 -0.33
CA GLU A 3 12.44 -1.02 0.27
C GLU A 3 11.93 -2.45 0.29
N ILE A 4 12.87 -3.32 -0.01
CA ILE A 4 12.62 -4.69 -0.31
C ILE A 4 13.59 -5.55 0.44
N THR A 5 13.25 -6.81 0.71
CA THR A 5 14.21 -7.73 1.28
C THR A 5 14.45 -8.81 0.25
N LEU A 6 15.66 -9.34 0.17
CA LEU A 6 15.94 -10.39 -0.77
C LEU A 6 16.23 -11.63 0.02
N LYS A 7 15.87 -12.78 -0.51
CA LYS A 7 16.13 -14.02 0.20
C LYS A 7 17.60 -14.33 0.45
N LYS A 8 18.49 -13.97 -0.50
CA LYS A 8 19.92 -14.18 -0.37
C LYS A 8 20.62 -13.20 -1.30
N PRO A 9 21.86 -12.76 -1.10
CA PRO A 9 22.46 -11.64 -1.83
C PRO A 9 22.46 -11.83 -3.35
N GLU A 10 22.70 -13.07 -3.74
CA GLU A 10 22.78 -13.40 -5.14
C GLU A 10 21.42 -13.31 -5.83
N ASP A 11 20.33 -12.99 -5.13
CA ASP A 11 19.01 -12.78 -5.71
C ASP A 11 18.99 -11.40 -6.32
N PHE A 12 19.95 -10.50 -6.06
CA PHE A 12 19.96 -9.11 -6.56
C PHE A 12 20.09 -9.12 -8.07
N LEU A 13 21.13 -9.75 -8.62
CA LEU A 13 21.31 -9.79 -10.05
C LEU A 13 20.17 -10.54 -10.69
N LYS A 14 19.53 -11.50 -10.03
CA LYS A 14 18.37 -12.18 -10.52
C LYS A 14 17.25 -11.22 -10.75
N VAL A 15 17.02 -10.30 -9.83
CA VAL A 15 15.92 -9.37 -9.95
C VAL A 15 16.30 -8.34 -10.99
N LYS A 16 17.53 -7.88 -11.01
CA LYS A 16 18.05 -6.88 -11.95
C LYS A 16 17.78 -7.39 -13.39
N GLU A 17 18.08 -8.67 -13.61
CA GLU A 17 17.79 -9.25 -14.88
C GLU A 17 16.27 -9.36 -15.04
N THR A 18 15.45 -9.83 -14.13
CA THR A 18 14.03 -9.87 -14.35
C THR A 18 13.43 -8.54 -14.76
N LEU A 19 13.86 -7.45 -14.18
CA LEU A 19 13.26 -6.17 -14.49
C LEU A 19 13.55 -5.77 -15.92
N THR A 20 14.57 -6.26 -16.59
CA THR A 20 14.77 -5.95 -18.01
C THR A 20 13.74 -6.57 -18.95
N ARG A 21 13.11 -7.64 -18.46
CA ARG A 21 12.15 -8.38 -19.21
C ARG A 21 10.71 -8.11 -18.83
N MET A 22 10.30 -6.93 -18.38
CA MET A 22 8.92 -6.69 -18.06
C MET A 22 8.69 -5.18 -18.19
N GLY A 23 7.67 -4.76 -18.93
CA GLY A 23 7.31 -3.35 -19.07
C GLY A 23 6.36 -3.13 -20.23
N ILE A 24 6.54 -1.99 -20.88
CA ILE A 24 5.75 -1.55 -22.00
C ILE A 24 6.43 -2.01 -23.26
N ALA A 25 5.58 -2.74 -23.95
CA ALA A 25 5.94 -3.40 -25.18
C ALA A 25 5.52 -2.63 -26.41
N ASN A 26 6.45 -2.28 -27.28
CA ASN A 26 5.99 -1.88 -28.59
C ASN A 26 6.22 -3.16 -29.39
N ASN A 27 5.13 -3.81 -29.77
CA ASN A 27 5.27 -5.03 -30.55
C ASN A 27 5.55 -4.76 -31.99
N LYS A 28 5.14 -3.64 -32.61
CA LYS A 28 5.49 -3.50 -34.02
C LYS A 28 6.99 -3.32 -34.35
N ASP A 29 7.84 -3.01 -33.39
CA ASP A 29 9.25 -3.24 -33.72
C ASP A 29 10.02 -3.95 -32.65
N LYS A 30 9.24 -4.70 -31.85
CA LYS A 30 9.67 -5.50 -30.70
C LYS A 30 10.69 -4.88 -29.75
N VAL A 31 10.29 -3.78 -29.14
CA VAL A 31 11.14 -3.15 -28.17
C VAL A 31 10.38 -3.24 -26.85
N LEU A 32 11.01 -3.65 -25.75
CA LEU A 32 10.39 -3.61 -24.42
C LEU A 32 11.12 -2.55 -23.60
N TYR A 33 10.36 -1.61 -23.11
CA TYR A 33 10.89 -0.53 -22.30
C TYR A 33 10.69 -0.88 -20.82
N GLN A 34 11.87 -1.03 -20.23
CA GLN A 34 12.03 -1.17 -18.80
C GLN A 34 11.96 0.19 -18.12
N SER A 35 11.31 0.28 -16.95
CA SER A 35 11.21 1.55 -16.24
C SER A 35 11.53 1.49 -14.75
N CYS A 36 11.71 0.31 -14.18
CA CYS A 36 11.93 0.13 -12.77
C CYS A 36 13.24 -0.59 -12.57
N HIS A 37 14.04 -0.24 -11.58
CA HIS A 37 15.34 -0.81 -11.40
C HIS A 37 15.44 -1.27 -9.95
N ILE A 38 16.35 -2.14 -9.63
CA ILE A 38 16.59 -2.52 -8.26
C ILE A 38 17.84 -1.74 -7.86
N LEU A 39 17.80 -1.28 -6.64
CA LEU A 39 18.83 -0.43 -6.11
C LEU A 39 19.50 -1.01 -4.89
N GLN A 40 20.81 -0.96 -4.66
CA GLN A 40 21.32 -1.27 -3.33
C GLN A 40 21.81 0.08 -2.82
N LYS A 41 21.58 0.38 -1.54
CA LYS A 41 22.06 1.61 -0.96
C LYS A 41 22.21 1.42 0.56
N LYS A 42 23.45 1.50 1.02
CA LYS A 42 23.84 1.34 2.41
C LYS A 42 23.33 0.05 3.01
N GLY A 43 23.43 -1.00 2.23
CA GLY A 43 23.05 -2.33 2.65
C GLY A 43 21.56 -2.59 2.62
N LEU A 44 20.73 -1.71 2.08
CA LEU A 44 19.30 -1.99 1.91
C LEU A 44 18.94 -2.06 0.45
N TYR A 45 17.84 -2.68 0.02
CA TYR A 45 17.51 -2.79 -1.39
C TYR A 45 16.18 -2.12 -1.70
N TYR A 46 16.03 -1.57 -2.92
CA TYR A 46 14.86 -0.80 -3.32
C TYR A 46 14.40 -1.10 -4.73
N ILE A 47 13.09 -1.13 -4.98
CA ILE A 47 12.55 -1.10 -6.33
C ILE A 47 12.30 0.41 -6.53
N VAL A 48 12.95 0.95 -7.52
CA VAL A 48 12.92 2.37 -7.85
C VAL A 48 12.54 2.65 -9.30
N HIS A 49 11.74 3.69 -9.56
CA HIS A 49 11.32 4.06 -10.89
C HIS A 49 12.42 4.85 -11.56
N PHE A 50 12.71 4.73 -12.86
CA PHE A 50 13.75 5.46 -13.56
C PHE A 50 13.65 6.96 -13.42
N LYS A 51 12.47 7.52 -13.10
CA LYS A 51 12.32 8.96 -12.91
C LYS A 51 12.84 9.27 -11.54
N GLU A 52 12.76 8.36 -10.57
CA GLU A 52 13.40 8.62 -9.30
C GLU A 52 14.90 8.60 -9.48
N MET A 53 15.42 7.79 -10.39
CA MET A 53 16.83 7.79 -10.62
C MET A 53 17.14 9.03 -11.43
N LEU A 54 16.39 9.51 -12.38
CA LEU A 54 16.73 10.74 -13.09
C LEU A 54 16.77 11.95 -12.16
N ARG A 55 15.78 11.94 -11.26
CA ARG A 55 15.59 12.86 -10.14
C ARG A 55 16.87 12.77 -9.33
N MET A 56 17.28 11.61 -8.83
CA MET A 56 18.51 11.42 -8.08
C MET A 56 19.79 11.83 -8.77
N ASP A 57 19.77 12.20 -10.03
CA ASP A 57 20.97 12.59 -10.74
C ASP A 57 20.88 14.06 -11.01
N GLY A 58 19.86 14.75 -10.57
CA GLY A 58 19.76 16.18 -10.70
C GLY A 58 18.74 16.61 -11.71
N ARG A 59 18.10 15.69 -12.46
CA ARG A 59 17.16 16.15 -13.43
C ARG A 59 15.80 16.47 -12.79
N GLN A 60 15.17 17.42 -13.46
CA GLN A 60 13.93 18.09 -13.08
C GLN A 60 12.72 17.26 -13.50
N VAL A 61 12.62 16.01 -13.09
CA VAL A 61 11.53 15.19 -13.59
C VAL A 61 10.45 14.89 -12.54
N GLU A 62 9.20 14.82 -13.01
CA GLU A 62 7.98 14.61 -12.20
C GLU A 62 7.45 13.22 -12.46
N MET A 63 7.41 12.49 -11.36
CA MET A 63 6.84 11.16 -11.32
C MET A 63 5.35 11.44 -11.19
N THR A 64 4.52 10.83 -12.02
CA THR A 64 3.10 11.08 -11.98
C THR A 64 2.58 10.03 -11.03
N GLU A 65 1.27 10.02 -10.81
CA GLU A 65 0.64 8.95 -10.04
C GLU A 65 0.73 7.62 -10.76
N GLU A 66 0.48 7.70 -12.07
CA GLU A 66 0.63 6.57 -12.97
C GLU A 66 2.02 6.00 -12.81
N ASP A 67 3.12 6.74 -12.66
CA ASP A 67 4.43 6.10 -12.45
C ASP A 67 4.59 5.34 -11.13
N GLU A 68 4.07 5.93 -10.06
CA GLU A 68 4.15 5.28 -8.79
C GLU A 68 3.33 4.03 -8.84
N VAL A 69 2.10 4.03 -9.34
CA VAL A 69 1.33 2.79 -9.46
C VAL A 69 2.05 1.70 -10.27
N ARG A 70 2.67 1.98 -11.42
CA ARG A 70 3.43 0.98 -12.14
C ARG A 70 4.57 0.50 -11.30
N ARG A 71 5.28 1.37 -10.60
CA ARG A 71 6.41 0.90 -9.81
C ARG A 71 5.96 -0.06 -8.72
N ASP A 72 4.87 0.26 -8.03
CA ASP A 72 4.37 -0.57 -6.94
C ASP A 72 3.80 -1.86 -7.41
N SER A 73 3.13 -1.88 -8.55
CA SER A 73 2.55 -3.10 -9.06
C SER A 73 3.63 -4.01 -9.60
N ILE A 74 4.76 -3.48 -10.12
CA ILE A 74 5.91 -4.30 -10.47
C ILE A 74 6.54 -4.80 -9.17
N ALA A 75 6.54 -4.06 -8.05
CA ALA A 75 7.02 -4.58 -6.79
C ALA A 75 6.05 -5.64 -6.31
N TRP A 76 4.73 -5.49 -6.34
CA TRP A 76 3.78 -6.53 -6.02
C TRP A 76 3.94 -7.78 -6.85
N LEU A 77 4.08 -7.70 -8.18
CA LEU A 77 4.31 -8.84 -9.04
C LEU A 77 5.56 -9.63 -8.66
N LEU A 78 6.74 -9.03 -8.48
CA LEU A 78 7.93 -9.71 -8.01
C LEU A 78 7.65 -10.32 -6.64
N GLU A 79 6.90 -9.65 -5.76
CA GLU A 79 6.51 -10.28 -4.52
C GLU A 79 5.64 -11.52 -4.75
N ASP A 80 4.60 -11.49 -5.56
CA ASP A 80 3.80 -12.67 -5.85
C ASP A 80 4.60 -13.84 -6.37
N TRP A 81 5.61 -13.57 -7.21
CA TRP A 81 6.44 -14.60 -7.80
C TRP A 81 7.46 -15.12 -6.83
N GLY A 82 7.55 -14.47 -5.66
CA GLY A 82 8.45 -14.86 -4.62
C GLY A 82 9.88 -14.42 -4.87
N LEU A 83 10.16 -13.44 -5.75
CA LEU A 83 11.51 -12.96 -5.91
C LEU A 83 11.90 -11.94 -4.83
N ILE A 84 10.94 -11.25 -4.20
CA ILE A 84 11.20 -10.24 -3.16
C ILE A 84 10.07 -10.35 -2.16
N GLU A 85 10.18 -9.51 -1.13
CA GLU A 85 9.17 -9.30 -0.11
C GLU A 85 9.18 -7.79 0.05
N ILE A 86 8.08 -7.05 -0.09
CA ILE A 86 8.12 -5.61 0.19
C ILE A 86 8.19 -5.40 1.71
N VAL A 87 8.99 -4.47 2.21
CA VAL A 87 9.14 -4.30 3.67
C VAL A 87 7.89 -3.64 4.26
N PRO A 88 7.31 -4.25 5.31
CA PRO A 88 6.14 -3.77 6.02
C PRO A 88 6.33 -2.39 6.58
N GLY A 89 5.27 -1.56 6.65
CA GLY A 89 5.37 -0.19 7.14
C GLY A 89 5.60 0.83 5.99
N GLN A 90 5.31 0.48 4.73
CA GLN A 90 5.39 1.39 3.63
C GLN A 90 4.06 1.49 2.93
N ARG A 91 3.73 2.72 2.55
CA ARG A 91 2.55 3.04 1.77
C ARG A 91 2.76 2.72 0.31
N THR A 92 1.90 1.82 -0.14
CA THR A 92 1.90 1.46 -1.53
C THR A 92 0.52 1.44 -2.16
N PHE A 93 0.51 1.65 -3.45
CA PHE A 93 -0.65 1.38 -4.26
C PHE A 93 -0.90 -0.11 -4.42
N MET A 94 -2.12 -0.42 -4.81
CA MET A 94 -2.52 -1.77 -5.04
C MET A 94 -1.91 -2.15 -6.37
N LYS A 95 -1.84 -3.47 -6.64
CA LYS A 95 -1.25 -3.95 -7.87
C LYS A 95 -2.27 -3.73 -8.96
N ASP A 96 -1.92 -3.03 -10.02
CA ASP A 96 -2.78 -2.85 -11.13
C ASP A 96 -1.95 -2.56 -12.35
N LEU A 97 -1.77 -3.60 -13.12
CA LEU A 97 -0.95 -3.51 -14.28
C LEU A 97 -1.91 -3.26 -15.43
N THR A 98 -2.58 -2.12 -15.50
CA THR A 98 -3.58 -1.96 -16.55
C THR A 98 -2.94 -1.77 -17.94
N ASN A 99 -2.76 -0.50 -18.30
CA ASN A 99 -2.53 -0.05 -19.65
C ASN A 99 -1.62 -0.88 -20.55
N ASN A 100 -0.33 -0.64 -20.78
CA ASN A 100 0.40 -1.63 -21.56
C ASN A 100 1.37 -2.14 -20.53
N PHE A 101 1.43 -3.48 -20.36
CA PHE A 101 2.37 -4.19 -19.52
C PHE A 101 2.65 -5.57 -20.14
N ARG A 102 3.89 -6.02 -20.15
CA ARG A 102 4.27 -7.27 -20.78
C ARG A 102 5.42 -7.88 -20.00
N VAL A 103 5.47 -9.20 -19.83
CA VAL A 103 6.61 -9.89 -19.26
C VAL A 103 7.11 -10.71 -20.45
N ILE A 104 8.40 -10.83 -20.76
CA ILE A 104 8.81 -11.66 -21.87
C ILE A 104 9.73 -12.71 -21.26
N SER A 105 9.70 -13.92 -21.79
CA SER A 105 10.57 -14.94 -21.23
C SER A 105 12.06 -14.71 -21.45
N PHE A 106 12.85 -15.50 -20.73
CA PHE A 106 14.28 -15.46 -20.86
C PHE A 106 14.69 -15.91 -22.23
N LYS A 107 14.02 -16.91 -22.82
CA LYS A 107 14.42 -17.46 -24.10
C LYS A 107 14.09 -16.62 -25.28
N GLN A 108 13.01 -15.93 -25.13
CA GLN A 108 12.44 -15.11 -26.14
C GLN A 108 13.16 -13.77 -26.18
N LYS A 109 13.93 -13.37 -25.13
CA LYS A 109 14.43 -12.00 -25.05
C LYS A 109 15.35 -11.59 -26.18
N HIS A 110 16.06 -12.56 -26.74
CA HIS A 110 16.92 -12.27 -27.87
C HIS A 110 16.24 -11.75 -29.10
N GLU A 111 14.91 -11.58 -29.13
CA GLU A 111 14.20 -11.02 -30.26
C GLU A 111 13.72 -9.60 -29.99
N TRP A 112 13.89 -9.18 -28.76
CA TRP A 112 13.44 -7.91 -28.26
C TRP A 112 14.60 -6.97 -28.16
N LYS A 113 14.39 -5.72 -28.46
CA LYS A 113 15.35 -4.68 -28.20
C LYS A 113 14.94 -4.31 -26.79
N LEU A 114 15.70 -4.64 -25.76
CA LEU A 114 15.36 -4.28 -24.39
C LEU A 114 15.87 -2.85 -24.17
N VAL A 115 15.10 -1.89 -23.71
CA VAL A 115 15.49 -0.49 -23.76
C VAL A 115 15.11 0.13 -22.44
N PRO A 116 16.08 0.50 -21.59
CA PRO A 116 15.83 1.18 -20.34
C PRO A 116 15.36 2.59 -20.63
N LYS A 117 14.20 2.95 -20.12
CA LYS A 117 13.74 4.30 -20.20
C LYS A 117 14.70 5.26 -19.47
N TYR A 118 15.46 4.79 -18.49
CA TYR A 118 16.50 5.59 -17.86
C TYR A 118 17.50 6.19 -18.85
N THR A 119 18.02 5.44 -19.80
CA THR A 119 19.05 5.96 -20.67
C THR A 119 18.62 6.68 -21.93
N ILE A 120 17.34 6.49 -22.33
CA ILE A 120 16.73 7.20 -23.44
C ILE A 120 17.05 8.68 -23.46
N GLY A 121 17.74 9.14 -24.49
CA GLY A 121 18.08 10.52 -24.71
C GLY A 121 16.96 11.25 -25.46
N ASN A 122 16.51 12.21 -24.65
CA ASN A 122 15.50 13.21 -24.90
C ASN A 122 14.02 12.89 -24.83
N MET B 1 -8.49 9.65 4.73
CA MET B 1 -9.54 8.73 5.12
C MET B 1 -9.50 7.69 4.00
N ILE B 2 -10.15 6.52 4.09
CA ILE B 2 -10.02 5.48 3.04
C ILE B 2 -11.39 5.32 2.48
N GLU B 3 -11.52 5.32 1.17
CA GLU B 3 -12.79 5.27 0.55
C GLU B 3 -13.13 3.81 0.47
N ILE B 4 -14.39 3.58 0.74
CA ILE B 4 -14.89 2.27 1.01
C ILE B 4 -16.22 2.00 0.40
N THR B 5 -16.34 0.80 -0.13
CA THR B 5 -17.64 0.36 -0.62
C THR B 5 -18.08 -0.77 0.31
N LEU B 6 -19.31 -0.72 0.77
CA LEU B 6 -19.84 -1.79 1.60
C LEU B 6 -20.66 -2.66 0.65
N LYS B 7 -20.88 -3.93 0.94
CA LYS B 7 -21.73 -4.80 0.12
C LYS B 7 -23.21 -4.44 0.13
N LYS B 8 -23.82 -4.13 1.28
CA LYS B 8 -25.25 -3.85 1.34
C LYS B 8 -25.39 -2.73 2.35
N PRO B 9 -26.33 -1.81 2.29
CA PRO B 9 -26.23 -0.55 3.00
C PRO B 9 -26.54 -0.68 4.50
N GLU B 10 -27.13 -1.82 4.87
CA GLU B 10 -27.35 -2.20 6.27
C GLU B 10 -25.99 -2.27 6.99
N ASP B 11 -25.06 -2.96 6.29
CA ASP B 11 -23.68 -3.28 6.73
C ASP B 11 -22.95 -2.14 7.43
N PHE B 12 -23.21 -0.86 7.06
CA PHE B 12 -22.69 0.31 7.72
C PHE B 12 -22.81 0.21 9.23
N LEU B 13 -23.92 -0.27 9.73
CA LEU B 13 -24.07 -0.39 11.16
C LEU B 13 -23.30 -1.57 11.73
N LYS B 14 -23.19 -2.68 10.96
CA LYS B 14 -22.39 -3.86 11.36
C LYS B 14 -20.93 -3.47 11.47
N VAL B 15 -20.45 -2.77 10.44
CA VAL B 15 -19.11 -2.21 10.44
C VAL B 15 -18.99 -1.26 11.59
N LYS B 16 -19.87 -0.31 11.82
CA LYS B 16 -19.79 0.57 12.98
C LYS B 16 -19.67 -0.08 14.33
N GLU B 17 -20.40 -1.19 14.55
CA GLU B 17 -20.29 -1.94 15.79
C GLU B 17 -18.95 -2.63 15.83
N THR B 18 -18.48 -3.22 14.72
CA THR B 18 -17.19 -3.93 14.72
C THR B 18 -16.02 -2.99 15.07
N LEU B 19 -16.03 -1.73 14.63
CA LEU B 19 -14.98 -0.74 14.91
C LEU B 19 -14.93 -0.41 16.39
N THR B 20 -16.03 -0.58 17.08
CA THR B 20 -16.08 -0.43 18.52
C THR B 20 -15.15 -1.42 19.21
N ARG B 21 -14.78 -2.51 18.58
CA ARG B 21 -14.00 -3.54 19.21
C ARG B 21 -12.59 -3.63 18.60
N MET B 22 -12.04 -2.54 18.03
CA MET B 22 -10.74 -2.54 17.39
C MET B 22 -10.03 -1.29 17.89
N GLY B 23 -8.99 -1.38 18.70
CA GLY B 23 -8.20 -0.22 19.08
C GLY B 23 -7.00 -0.58 19.96
N ILE B 24 -6.51 0.41 20.72
CA ILE B 24 -5.43 0.28 21.71
C ILE B 24 -6.12 -0.27 22.94
N ALA B 25 -5.60 -1.39 23.45
CA ALA B 25 -6.14 -2.03 24.64
C ALA B 25 -5.29 -1.68 25.85
N ASN B 26 -5.94 -1.75 26.98
CA ASN B 26 -5.29 -1.60 28.24
C ASN B 26 -5.80 -2.91 28.73
N ASN B 27 -4.99 -3.92 28.47
CA ASN B 27 -5.41 -5.23 28.90
C ASN B 27 -5.42 -5.35 30.40
N LYS B 28 -4.84 -4.45 31.20
CA LYS B 28 -4.84 -4.58 32.66
C LYS B 28 -6.15 -4.16 33.29
N ASP B 29 -6.73 -3.01 32.99
CA ASP B 29 -7.96 -2.60 33.60
C ASP B 29 -9.11 -2.75 32.60
N LYS B 30 -8.91 -3.74 31.69
CA LYS B 30 -9.71 -4.05 30.51
C LYS B 30 -10.47 -2.94 29.78
N VAL B 31 -9.71 -1.94 29.34
CA VAL B 31 -10.30 -0.82 28.58
C VAL B 31 -9.76 -0.86 27.16
N LEU B 32 -10.57 -0.63 26.12
CA LEU B 32 -10.11 -0.65 24.72
C LEU B 32 -10.58 0.68 24.12
N TYR B 33 -9.66 1.37 23.47
CA TYR B 33 -9.96 2.68 22.91
C TYR B 33 -10.20 2.57 21.43
N GLN B 34 -11.39 2.94 20.98
CA GLN B 34 -11.71 2.96 19.57
C GLN B 34 -10.77 3.84 18.75
N SER B 35 -10.19 3.34 17.66
CA SER B 35 -9.28 4.09 16.81
C SER B 35 -9.90 4.80 15.62
N CYS B 36 -10.73 4.07 14.88
CA CYS B 36 -11.28 4.49 13.61
C CYS B 36 -12.79 4.43 13.63
N HIS B 37 -13.45 5.25 12.81
CA HIS B 37 -14.89 5.27 12.71
C HIS B 37 -15.31 5.12 11.27
N ILE B 38 -16.59 4.89 10.94
CA ILE B 38 -17.12 4.88 9.58
C ILE B 38 -18.09 6.06 9.45
N LEU B 39 -17.83 6.87 8.43
CA LEU B 39 -18.63 8.03 8.12
C LEU B 39 -19.08 7.94 6.67
N GLN B 40 -20.24 8.46 6.34
CA GLN B 40 -20.64 8.59 4.96
C GLN B 40 -20.55 10.09 4.72
N LYS B 41 -19.91 10.53 3.66
CA LYS B 41 -19.76 11.95 3.45
C LYS B 41 -20.05 12.11 1.97
N LYS B 42 -20.97 13.00 1.64
CA LYS B 42 -21.30 13.34 0.27
C LYS B 42 -21.61 12.04 -0.50
N GLY B 43 -22.24 11.07 0.17
CA GLY B 43 -22.62 9.79 -0.41
C GLY B 43 -21.54 8.72 -0.43
N LEU B 44 -20.23 8.98 -0.28
CA LEU B 44 -19.23 7.91 -0.35
C LEU B 44 -18.93 7.49 1.06
N TYR B 45 -18.49 6.28 1.33
CA TYR B 45 -18.29 5.82 2.68
C TYR B 45 -16.80 5.86 2.99
N TYR B 46 -16.35 6.05 4.22
CA TYR B 46 -14.95 6.20 4.51
C TYR B 46 -14.58 5.59 5.86
N ILE B 47 -13.38 4.99 6.00
CA ILE B 47 -12.89 4.60 7.34
C ILE B 47 -11.98 5.79 7.68
N VAL B 48 -12.23 6.35 8.86
CA VAL B 48 -11.61 7.56 9.32
C VAL B 48 -10.94 7.39 10.69
N HIS B 49 -9.68 7.77 10.93
CA HIS B 49 -9.09 7.66 12.27
C HIS B 49 -9.82 8.70 13.15
N PHE B 50 -9.90 8.55 14.49
CA PHE B 50 -10.56 9.49 15.40
C PHE B 50 -9.99 10.92 15.27
N LYS B 51 -8.68 11.08 15.13
CA LYS B 51 -7.99 12.35 14.87
C LYS B 51 -8.38 13.10 13.60
N GLU B 52 -8.74 12.39 12.54
CA GLU B 52 -9.25 13.05 11.36
C GLU B 52 -10.62 13.60 11.71
N MET B 53 -11.41 13.02 12.61
CA MET B 53 -12.71 13.57 12.94
C MET B 53 -12.55 14.79 13.82
N LEU B 54 -11.56 14.76 14.70
CA LEU B 54 -11.14 15.91 15.51
C LEU B 54 -10.64 17.00 14.56
N ARG B 55 -9.88 16.70 13.52
CA ARG B 55 -9.48 17.65 12.50
C ARG B 55 -10.70 18.22 11.79
N MET B 56 -11.73 17.39 11.56
CA MET B 56 -12.96 17.79 10.87
C MET B 56 -13.79 18.77 11.66
N ASP B 57 -13.81 18.59 13.01
CA ASP B 57 -14.42 19.54 13.90
C ASP B 57 -13.55 20.78 14.09
N GLY B 58 -12.39 21.01 13.46
CA GLY B 58 -11.67 22.27 13.62
C GLY B 58 -10.43 22.21 14.48
N ARG B 59 -10.21 21.05 15.08
CA ARG B 59 -9.09 20.92 15.97
C ARG B 59 -7.83 20.83 15.09
N GLN B 60 -6.71 21.51 15.41
CA GLN B 60 -5.53 21.38 14.57
C GLN B 60 -4.79 20.19 15.18
N VAL B 61 -5.12 19.03 14.67
CA VAL B 61 -4.67 17.77 15.20
C VAL B 61 -4.09 17.10 13.97
N GLU B 62 -3.04 16.33 14.14
CA GLU B 62 -2.33 15.71 13.03
C GLU B 62 -2.17 14.23 13.33
N MET B 63 -2.60 13.36 12.43
CA MET B 63 -2.30 11.98 12.69
C MET B 63 -0.78 11.71 12.81
N THR B 64 -0.38 10.66 13.52
CA THR B 64 1.00 10.29 13.50
C THR B 64 1.07 9.19 12.42
N GLU B 65 2.27 8.85 11.96
CA GLU B 65 2.51 7.70 11.10
C GLU B 65 1.96 6.41 11.76
N GLU B 66 2.24 6.13 13.02
CA GLU B 66 1.68 5.02 13.78
C GLU B 66 0.18 5.01 13.65
N ASP B 67 -0.40 6.22 13.75
CA ASP B 67 -1.82 6.40 13.56
C ASP B 67 -2.39 6.03 12.19
N GLU B 68 -1.78 6.47 11.09
CA GLU B 68 -2.32 6.07 9.81
C GLU B 68 -1.98 4.62 9.45
N VAL B 69 -0.86 4.03 9.94
CA VAL B 69 -0.62 2.60 9.83
C VAL B 69 -1.81 1.92 10.52
N ARG B 70 -2.17 2.30 11.77
CA ARG B 70 -3.23 1.64 12.51
C ARG B 70 -4.59 1.61 11.78
N ARG B 71 -4.88 2.74 11.14
CA ARG B 71 -6.09 2.96 10.41
C ARG B 71 -6.08 2.08 9.18
N ASP B 72 -4.99 2.08 8.41
CA ASP B 72 -4.86 1.29 7.22
C ASP B 72 -4.91 -0.20 7.53
N SER B 73 -4.36 -0.65 8.66
CA SER B 73 -4.39 -2.06 8.99
C SER B 73 -5.74 -2.44 9.55
N ILE B 74 -6.45 -1.64 10.36
CA ILE B 74 -7.86 -1.89 10.67
C ILE B 74 -8.69 -1.94 9.36
N ALA B 75 -8.54 -1.04 8.38
CA ALA B 75 -9.33 -1.10 7.15
C ALA B 75 -9.00 -2.38 6.38
N TRP B 76 -7.74 -2.70 6.16
CA TRP B 76 -7.40 -3.96 5.53
C TRP B 76 -7.89 -5.19 6.28
N LEU B 77 -8.01 -5.19 7.62
CA LEU B 77 -8.47 -6.37 8.31
C LEU B 77 -9.95 -6.56 8.04
N LEU B 78 -10.77 -5.49 8.09
CA LEU B 78 -12.20 -5.59 7.79
C LEU B 78 -12.45 -5.99 6.34
N GLU B 79 -11.50 -5.73 5.42
CA GLU B 79 -11.63 -6.17 4.05
C GLU B 79 -11.37 -7.64 4.10
N ASP B 80 -10.33 -8.13 4.84
CA ASP B 80 -9.96 -9.55 4.95
C ASP B 80 -11.14 -10.34 5.46
N TRP B 81 -11.84 -9.68 6.36
CA TRP B 81 -13.06 -10.16 6.96
C TRP B 81 -14.29 -10.11 6.08
N GLY B 82 -14.17 -9.54 4.88
CA GLY B 82 -15.20 -9.37 3.88
C GLY B 82 -16.37 -8.55 4.38
N LEU B 83 -16.11 -7.32 4.85
CA LEU B 83 -17.12 -6.40 5.37
C LEU B 83 -17.06 -5.07 4.66
N ILE B 84 -15.91 -4.72 4.12
CA ILE B 84 -15.72 -3.50 3.35
C ILE B 84 -14.83 -3.90 2.17
N GLU B 85 -14.88 -3.14 1.05
CA GLU B 85 -13.89 -3.28 -0.02
C GLU B 85 -13.26 -1.93 0.08
N ILE B 86 -11.98 -1.90 -0.22
CA ILE B 86 -11.29 -0.63 -0.22
C ILE B 86 -11.36 -0.32 -1.70
N VAL B 87 -11.87 0.86 -2.00
CA VAL B 87 -12.00 1.37 -3.33
C VAL B 87 -10.59 1.35 -3.94
N PRO B 88 -10.46 0.73 -5.12
CA PRO B 88 -9.17 0.56 -5.79
C PRO B 88 -8.51 1.89 -6.17
N GLY B 89 -7.18 1.86 -6.07
CA GLY B 89 -6.41 2.99 -6.48
C GLY B 89 -6.00 3.93 -5.38
N GLN B 90 -5.90 3.56 -4.09
CA GLN B 90 -5.51 4.49 -3.05
C GLN B 90 -4.18 3.98 -2.56
N ARG B 91 -3.32 4.80 -2.03
CA ARG B 91 -2.01 4.43 -1.54
C ARG B 91 -2.07 4.21 -0.04
N THR B 92 -1.95 2.97 0.43
CA THR B 92 -2.09 2.75 1.85
C THR B 92 -0.98 1.84 2.40
N PHE B 93 -0.86 1.76 3.72
CA PHE B 93 0.08 0.83 4.33
C PHE B 93 -0.67 -0.49 4.20
N MET B 94 -0.23 -1.42 3.37
CA MET B 94 -0.86 -2.70 3.15
C MET B 94 -0.10 -3.77 3.91
N LYS B 95 1.09 -3.54 4.47
CA LYS B 95 1.78 -4.52 5.30
C LYS B 95 2.03 -3.77 6.61
N ASP B 96 1.55 -4.19 7.79
CA ASP B 96 1.85 -3.40 8.99
C ASP B 96 3.27 -3.71 9.49
N LEU B 97 3.72 -2.72 10.25
CA LEU B 97 4.91 -2.60 11.13
C LEU B 97 4.63 -1.15 11.53
N THR B 98 4.83 -0.88 12.81
CA THR B 98 4.46 0.32 13.56
C THR B 98 3.14 -0.16 14.21
N ASN B 99 2.50 0.67 15.02
CA ASN B 99 1.33 0.24 15.74
C ASN B 99 0.10 -0.41 15.13
N ASN B 100 -0.06 -1.52 15.87
CA ASN B 100 -1.10 -2.53 15.77
C ASN B 100 -2.12 -2.27 16.90
N PHE B 101 -3.07 -3.17 17.10
CA PHE B 101 -4.27 -2.94 17.86
C PHE B 101 -4.75 -4.29 18.38
N ARG B 102 -5.85 -4.27 19.10
CA ARG B 102 -6.49 -5.42 19.68
C ARG B 102 -7.89 -5.46 19.07
N VAL B 103 -8.31 -6.64 18.61
CA VAL B 103 -9.72 -6.81 18.27
C VAL B 103 -10.35 -7.59 19.43
N ILE B 104 -11.54 -7.26 19.95
CA ILE B 104 -12.20 -7.97 21.04
C ILE B 104 -13.34 -8.70 20.37
N SER B 105 -13.66 -9.92 20.76
CA SER B 105 -14.77 -10.64 20.17
C SER B 105 -16.09 -10.10 20.70
N PHE B 106 -17.13 -10.26 19.89
CA PHE B 106 -18.45 -9.83 20.26
C PHE B 106 -18.82 -10.44 21.60
N LYS B 107 -18.30 -11.59 22.07
CA LYS B 107 -18.65 -11.89 23.43
C LYS B 107 -17.65 -11.53 24.49
N GLN B 108 -16.46 -11.11 24.15
CA GLN B 108 -15.68 -10.50 25.20
C GLN B 108 -16.29 -9.10 25.40
N LYS B 109 -17.10 -8.57 24.47
CA LYS B 109 -17.56 -7.19 24.42
C LYS B 109 -17.95 -6.51 25.71
N HIS B 110 -18.93 -7.09 26.40
CA HIS B 110 -19.37 -6.53 27.67
C HIS B 110 -18.50 -6.74 28.89
N GLU B 111 -17.47 -7.58 28.78
CA GLU B 111 -16.45 -7.75 29.80
C GLU B 111 -15.46 -6.58 29.77
N TRP B 112 -15.37 -5.92 28.60
CA TRP B 112 -14.50 -4.80 28.33
C TRP B 112 -15.16 -3.44 28.39
N LYS B 113 -14.34 -2.43 28.71
CA LYS B 113 -14.82 -1.04 28.71
C LYS B 113 -14.41 -0.44 27.37
N LEU B 114 -15.39 -0.08 26.55
CA LEU B 114 -15.16 0.47 25.20
C LEU B 114 -15.21 2.00 25.31
N VAL B 115 -14.08 2.64 25.05
CA VAL B 115 -13.94 4.08 25.19
C VAL B 115 -13.57 4.70 23.84
N PRO B 116 -14.50 5.41 23.15
CA PRO B 116 -14.22 6.23 21.98
C PRO B 116 -13.26 7.35 22.28
N LYS B 117 -12.19 7.41 21.49
CA LYS B 117 -11.14 8.37 21.70
C LYS B 117 -11.47 9.72 21.12
N TYR B 118 -12.50 9.94 20.28
CA TYR B 118 -12.81 11.18 19.56
C TYR B 118 -13.19 12.33 20.51
N THR B 119 -12.14 12.62 21.30
CA THR B 119 -12.08 13.45 22.51
C THR B 119 -13.31 14.28 22.88
N ILE B 120 -13.99 13.27 23.43
CA ILE B 120 -15.33 13.27 23.94
C ILE B 120 -15.62 14.23 25.09
#